data_7KLD
#
_entry.id   7KLD
#
_cell.length_a   53.482
_cell.length_b   66.556
_cell.length_c   93.446
_cell.angle_alpha   90.000
_cell.angle_beta   103.438
_cell.angle_gamma   90.000
#
_symmetry.space_group_name_H-M   'I 1 2 1'
#
loop_
_entity.id
_entity.type
_entity.pdbx_description
1 polymer 'Phage-related ribosomal protease'
2 polymer LYS-LEU-ASN-LEU-GLN-PHE-PCS
3 non-polymer 'CALCIUM ION'
4 water water
#
loop_
_entity_poly.entity_id
_entity_poly.type
_entity_poly.pdbx_seq_one_letter_code
_entity_poly.pdbx_strand_id
1 'polypeptide(L)'
;MITVDITVNDEGKVTDVIMDGHADHGEYGHDIVCAGASAVLFGSVNAIIGLTSERPDINYDDNGGHFHIRSVDTNNDEAQ
LILQTMLVSLQTIEEEYNENIRLNYK
;
A,B,D
2 'polypeptide(L)' KLNLQF(PCS) C,E,Q
#
loop_
_chem_comp.id
_chem_comp.type
_chem_comp.name
_chem_comp.formula
CA non-polymer 'CALCIUM ION' 'Ca 2'
#
# COMPACT_ATOMS: atom_id res chain seq x y z
N MET A 1 9.42 11.06 -18.17
CA MET A 1 8.98 12.23 -17.39
C MET A 1 9.21 11.99 -15.90
N ILE A 2 9.82 12.96 -15.22
CA ILE A 2 9.90 12.99 -13.78
C ILE A 2 8.61 13.67 -13.30
N THR A 3 7.89 13.01 -12.38
CA THR A 3 6.74 13.65 -11.75
C THR A 3 7.10 14.12 -10.33
N VAL A 4 6.72 15.38 -10.06
CA VAL A 4 6.93 15.99 -8.78
C VAL A 4 5.59 16.33 -8.16
N ASP A 5 5.22 15.52 -7.14
CA ASP A 5 3.99 15.65 -6.39
C ASP A 5 4.28 16.38 -5.10
N ILE A 6 3.63 17.52 -4.93
CA ILE A 6 3.85 18.40 -3.80
C ILE A 6 2.56 18.54 -3.03
N THR A 7 2.61 18.29 -1.72
CA THR A 7 1.48 18.51 -0.83
C THR A 7 1.74 19.73 0.06
N VAL A 8 0.80 20.66 0.02
CA VAL A 8 0.76 21.82 0.88
C VAL A 8 -0.48 21.69 1.77
N ASN A 9 -0.34 21.87 3.09
CA ASN A 9 -1.42 21.72 4.06
C ASN A 9 -2.19 23.04 4.14
N ASP A 10 -3.15 23.13 5.06
CA ASP A 10 -4.05 24.28 5.19
C ASP A 10 -3.31 25.57 5.60
N GLU A 11 -2.18 25.41 6.29
CA GLU A 11 -1.39 26.54 6.77
C GLU A 11 -0.26 26.97 5.82
N GLY A 12 -0.32 26.48 4.59
CA GLY A 12 0.65 26.80 3.56
C GLY A 12 2.03 26.13 3.68
N LYS A 13 2.14 25.15 4.58
CA LYS A 13 3.33 24.35 4.69
C LYS A 13 3.31 23.23 3.65
N VAL A 14 4.48 22.98 3.05
CA VAL A 14 4.82 21.79 2.31
C VAL A 14 5.08 20.64 3.28
N THR A 15 4.19 19.62 3.25
CA THR A 15 4.30 18.41 4.05
C THR A 15 5.01 17.31 3.34
N ASP A 16 4.83 17.25 2.02
CA ASP A 16 5.27 16.14 1.20
C ASP A 16 5.75 16.56 -0.15
N VAL A 17 6.93 16.05 -0.53
CA VAL A 17 7.37 16.07 -1.90
C VAL A 17 7.77 14.67 -2.29
N ILE A 18 7.14 14.17 -3.36
CA ILE A 18 7.51 12.96 -4.03
C ILE A 18 7.93 13.27 -5.45
N MET A 19 9.13 12.78 -5.81
CA MET A 19 9.71 12.84 -7.13
C MET A 19 9.80 11.44 -7.68
N ASP A 20 9.25 11.22 -8.87
CA ASP A 20 9.22 9.87 -9.39
C ASP A 20 9.23 9.88 -10.90
N GLY A 21 9.90 8.86 -11.44
CA GLY A 21 10.21 8.74 -12.85
C GLY A 21 11.57 9.24 -13.26
N HIS A 22 11.90 9.00 -14.52
CA HIS A 22 13.13 9.52 -15.10
C HIS A 22 12.77 10.51 -16.20
N ALA A 23 13.60 11.57 -16.27
CA ALA A 23 13.54 12.63 -17.26
C ALA A 23 13.33 12.09 -18.69
N HIS A 30 23.99 10.85 -18.91
CA HIS A 30 24.11 11.93 -19.88
C HIS A 30 22.86 12.80 -20.04
N ASP A 31 21.86 12.56 -19.17
CA ASP A 31 20.63 13.31 -19.16
C ASP A 31 20.80 14.52 -18.23
N ILE A 32 20.62 15.71 -18.79
CA ILE A 32 20.94 16.93 -18.05
C ILE A 32 19.77 17.47 -17.22
N VAL A 33 18.54 17.14 -17.59
CA VAL A 33 17.34 17.48 -16.80
C VAL A 33 17.31 16.65 -15.52
N CYS A 34 17.67 15.40 -15.68
CA CYS A 34 17.91 14.49 -14.55
C CYS A 34 18.97 15.02 -13.55
N ALA A 35 20.17 15.36 -14.06
CA ALA A 35 21.27 15.93 -13.26
C ALA A 35 20.78 17.18 -12.54
N GLY A 36 20.11 18.07 -13.31
CA GLY A 36 19.52 19.26 -12.75
C GLY A 36 18.61 18.98 -11.58
N ALA A 37 17.66 18.06 -11.76
CA ALA A 37 16.67 17.79 -10.72
C ALA A 37 17.33 17.01 -9.61
N SER A 38 18.28 16.15 -9.95
CA SER A 38 18.98 15.37 -8.91
C SER A 38 19.74 16.31 -8.00
N ALA A 39 20.63 17.12 -8.58
CA ALA A 39 21.39 18.10 -7.75
C ALA A 39 20.50 19.00 -6.86
N VAL A 40 19.39 19.52 -7.42
CA VAL A 40 18.47 20.37 -6.65
C VAL A 40 17.87 19.56 -5.49
N LEU A 41 17.38 18.35 -5.79
CA LEU A 41 16.81 17.53 -4.73
C LEU A 41 17.84 17.24 -3.65
N PHE A 42 18.95 16.61 -4.02
CA PHE A 42 19.90 16.14 -2.99
C PHE A 42 20.51 17.25 -2.19
N GLY A 43 20.75 18.39 -2.85
CA GLY A 43 21.33 19.56 -2.22
C GLY A 43 20.42 20.21 -1.22
N SER A 44 19.16 20.35 -1.60
CA SER A 44 18.12 20.88 -0.74
C SER A 44 17.93 20.03 0.56
N VAL A 45 18.00 18.71 0.41
CA VAL A 45 17.88 17.84 1.57
C VAL A 45 19.06 18.00 2.43
N ASN A 46 20.25 17.99 1.82
CA ASN A 46 21.47 18.30 2.53
C ASN A 46 21.38 19.61 3.29
N ALA A 47 20.71 20.60 2.68
CA ALA A 47 20.61 21.94 3.23
C ALA A 47 19.69 21.95 4.41
N ILE A 48 18.54 21.35 4.24
CA ILE A 48 17.62 21.20 5.37
C ILE A 48 18.27 20.56 6.60
N ILE A 49 18.97 19.43 6.41
CA ILE A 49 19.56 18.79 7.56
C ILE A 49 20.80 19.53 8.07
N GLY A 50 21.68 20.05 7.21
CA GLY A 50 22.88 20.75 7.67
C GLY A 50 22.65 22.15 8.20
N LEU A 51 21.54 22.78 7.77
CA LEU A 51 21.27 24.21 8.11
C LEU A 51 20.06 24.49 8.99
N THR A 52 19.26 23.52 9.29
CA THR A 52 18.12 23.70 10.11
C THR A 52 18.07 22.65 11.20
N SER A 53 17.13 22.75 12.09
CA SER A 53 16.70 21.90 13.15
C SER A 53 15.94 20.69 12.70
N GLU A 54 15.44 20.69 11.49
CA GLU A 54 14.46 19.74 11.08
C GLU A 54 15.12 18.51 10.56
N ARG A 55 14.51 17.34 10.84
CA ARG A 55 15.02 16.08 10.38
C ARG A 55 13.81 15.53 9.63
N PRO A 56 13.85 15.61 8.27
CA PRO A 56 12.66 15.11 7.55
C PRO A 56 12.73 13.64 7.50
N ASP A 57 11.58 13.00 7.34
CA ASP A 57 11.47 11.55 7.15
C ASP A 57 11.66 11.28 5.66
N ILE A 58 12.70 10.51 5.31
CA ILE A 58 13.17 10.36 3.93
C ILE A 58 13.09 8.90 3.53
N ASN A 59 12.51 8.62 2.36
CA ASN A 59 12.47 7.28 1.80
C ASN A 59 12.70 7.37 0.30
N TYR A 60 13.46 6.40 -0.23
CA TYR A 60 13.82 6.37 -1.60
C TYR A 60 14.09 4.94 -2.06
N ASP A 61 13.99 4.70 -3.34
CA ASP A 61 14.18 3.42 -3.87
C ASP A 61 15.61 3.33 -4.24
N ASP A 62 16.32 2.24 -3.92
CA ASP A 62 17.74 2.04 -4.31
C ASP A 62 18.00 2.23 -5.79
N ASN A 63 17.08 1.75 -6.62
CA ASN A 63 17.17 1.80 -8.04
C ASN A 63 16.93 3.10 -8.74
N GLY A 64 16.62 4.17 -8.04
CA GLY A 64 16.39 5.38 -8.76
C GLY A 64 14.95 5.65 -9.16
N GLY A 65 14.63 6.89 -9.62
CA GLY A 65 13.34 7.33 -10.01
C GLY A 65 12.39 7.42 -8.87
N HIS A 66 12.80 7.49 -7.60
CA HIS A 66 11.86 7.56 -6.54
C HIS A 66 12.43 8.09 -5.25
N PHE A 67 11.94 9.19 -4.74
CA PHE A 67 12.44 9.84 -3.54
C PHE A 67 11.29 10.52 -2.85
N HIS A 68 11.17 10.37 -1.57
CA HIS A 68 10.07 10.92 -0.91
C HIS A 68 10.46 11.65 0.36
N ILE A 69 10.21 12.94 0.44
CA ILE A 69 10.40 13.71 1.64
C ILE A 69 9.08 14.03 2.33
N ARG A 70 9.04 13.69 3.62
CA ARG A 70 7.98 14.12 4.51
C ARG A 70 8.52 15.02 5.63
N SER A 71 7.92 16.21 5.78
CA SER A 71 8.21 17.10 6.88
C SER A 71 7.73 16.57 8.21
N VAL A 72 8.53 16.78 9.26
CA VAL A 72 8.17 16.48 10.62
C VAL A 72 7.71 17.80 11.27
N ASP A 73 8.64 18.80 11.35
CA ASP A 73 8.28 20.08 11.91
C ASP A 73 7.91 21.06 10.80
N THR A 74 6.60 21.10 10.51
CA THR A 74 6.05 21.95 9.49
C THR A 74 6.09 23.41 9.90
N ASN A 75 6.35 23.68 11.19
CA ASN A 75 6.52 25.07 11.56
C ASN A 75 7.97 25.49 11.70
N ASN A 76 8.88 24.73 11.08
CA ASN A 76 10.24 25.19 10.89
C ASN A 76 10.36 26.03 9.58
N ASP A 77 10.42 27.36 9.74
CA ASP A 77 10.40 28.35 8.67
C ASP A 77 11.54 28.15 7.69
N GLU A 78 12.69 27.76 8.23
CA GLU A 78 13.89 27.56 7.46
C GLU A 78 13.82 26.34 6.52
N ALA A 79 13.49 25.18 7.08
CA ALA A 79 13.17 23.99 6.30
C ALA A 79 12.07 24.31 5.23
N GLN A 80 11.04 25.04 5.61
CA GLN A 80 10.03 25.49 4.63
C GLN A 80 10.58 26.38 3.48
N LEU A 81 11.38 27.39 3.83
CA LEU A 81 11.99 28.28 2.87
C LEU A 81 12.86 27.47 1.94
N ILE A 82 13.57 26.52 2.50
CA ILE A 82 14.38 25.65 1.63
C ILE A 82 13.54 24.73 0.77
N LEU A 83 12.40 24.19 1.24
CA LEU A 83 11.49 23.45 0.35
C LEU A 83 10.96 24.39 -0.72
N GLN A 84 10.66 25.64 -0.37
CA GLN A 84 10.05 26.54 -1.38
C GLN A 84 11.08 26.81 -2.44
N THR A 85 12.34 26.96 -2.00
CA THR A 85 13.43 27.26 -2.94
C THR A 85 13.70 26.04 -3.83
N MET A 86 13.58 24.83 -3.29
CA MET A 86 13.73 23.57 -4.09
C MET A 86 12.74 23.51 -5.24
N LEU A 87 11.51 23.93 -4.95
CA LEU A 87 10.42 23.84 -5.85
C LEU A 87 10.45 24.96 -6.88
N VAL A 88 10.82 26.17 -6.44
CA VAL A 88 11.25 27.20 -7.36
C VAL A 88 12.31 26.72 -8.34
N SER A 89 13.30 25.98 -7.88
CA SER A 89 14.37 25.45 -8.75
C SER A 89 13.92 24.39 -9.70
N LEU A 90 13.14 23.41 -9.23
CA LEU A 90 12.61 22.41 -10.14
C LEU A 90 11.65 23.05 -11.12
N GLN A 91 10.91 24.04 -10.65
CA GLN A 91 9.99 24.79 -11.50
C GLN A 91 10.75 25.53 -12.60
N THR A 92 11.94 26.03 -12.24
CA THR A 92 12.83 26.74 -13.17
C THR A 92 13.30 25.82 -14.28
N ILE A 93 13.61 24.57 -13.95
CA ILE A 93 13.95 23.66 -14.99
C ILE A 93 12.75 23.29 -15.85
N GLU A 94 11.62 23.03 -15.20
CA GLU A 94 10.38 22.65 -15.88
C GLU A 94 10.01 23.66 -16.98
N GLU A 95 10.17 24.93 -16.65
CA GLU A 95 9.86 25.99 -17.59
C GLU A 95 10.61 25.84 -18.93
N GLU A 96 11.82 25.34 -18.98
CA GLU A 96 12.47 25.07 -20.24
C GLU A 96 12.46 23.62 -20.68
N TYR A 97 12.07 22.70 -19.85
CA TYR A 97 12.02 21.29 -20.23
C TYR A 97 10.65 20.76 -19.82
N ASN A 98 9.61 21.40 -20.35
CA ASN A 98 8.20 21.17 -20.04
C ASN A 98 7.80 19.72 -20.15
N GLU A 99 8.34 19.04 -21.16
CA GLU A 99 8.05 17.66 -21.49
C GLU A 99 8.67 16.62 -20.54
N ASN A 100 9.67 17.05 -19.76
CA ASN A 100 10.46 16.07 -19.00
C ASN A 100 10.25 16.14 -17.51
N ILE A 101 9.67 17.25 -17.01
CA ILE A 101 9.11 17.29 -15.65
C ILE A 101 7.63 17.69 -15.69
N ARG A 102 6.88 17.13 -14.73
CA ARG A 102 5.55 17.61 -14.41
C ARG A 102 5.59 17.97 -12.94
N LEU A 103 5.13 19.17 -12.62
CA LEU A 103 4.86 19.54 -11.25
C LEU A 103 3.34 19.38 -10.99
N ASN A 104 3.00 18.84 -9.85
CA ASN A 104 1.61 18.62 -9.48
C ASN A 104 1.46 18.96 -8.00
N TYR A 105 0.55 19.88 -7.69
CA TYR A 105 0.09 20.17 -6.31
C TYR A 105 -1.10 19.28 -5.87
N LYS A 106 -1.03 18.79 -4.65
CA LYS A 106 -2.15 18.11 -4.02
C LYS A 106 -2.46 18.80 -2.71
N MET B 1 2.92 5.16 13.50
CA MET B 1 1.68 5.11 12.67
C MET B 1 2.04 4.89 11.22
N ILE B 2 1.33 3.98 10.56
CA ILE B 2 1.36 3.82 9.12
C ILE B 2 0.41 4.86 8.51
N THR B 3 0.92 5.68 7.57
CA THR B 3 0.07 6.57 6.77
C THR B 3 -0.21 5.97 5.40
N VAL B 4 -1.49 5.97 5.03
CA VAL B 4 -1.97 5.55 3.72
C VAL B 4 -2.55 6.74 3.00
N ASP B 5 -1.82 7.24 2.01
CA ASP B 5 -2.29 8.42 1.28
C ASP B 5 -2.68 7.95 -0.10
N ILE B 6 -3.94 8.19 -0.41
CA ILE B 6 -4.65 7.63 -1.54
C ILE B 6 -5.08 8.79 -2.41
N THR B 7 -4.64 8.78 -3.66
CA THR B 7 -5.14 9.75 -4.61
C THR B 7 -6.27 9.15 -5.44
N VAL B 8 -7.40 9.85 -5.49
CA VAL B 8 -8.51 9.54 -6.32
C VAL B 8 -8.67 10.71 -7.26
N ASN B 9 -8.90 10.44 -8.56
CA ASN B 9 -9.20 11.48 -9.53
C ASN B 9 -10.68 11.86 -9.43
N ASP B 10 -11.15 12.74 -10.34
CA ASP B 10 -12.51 13.17 -10.05
C ASP B 10 -13.59 12.15 -10.50
N GLU B 11 -13.22 11.09 -11.22
CA GLU B 11 -14.11 9.96 -11.52
C GLU B 11 -14.08 8.83 -10.50
N GLY B 12 -13.41 9.05 -9.37
CA GLY B 12 -13.27 8.03 -8.35
C GLY B 12 -12.28 6.90 -8.66
N LYS B 13 -11.46 7.05 -9.70
CA LYS B 13 -10.36 6.09 -9.86
C LYS B 13 -9.17 6.52 -8.96
N VAL B 14 -8.50 5.46 -8.43
CA VAL B 14 -7.37 5.44 -7.58
C VAL B 14 -6.16 5.49 -8.51
N THR B 15 -5.46 6.62 -8.53
CA THR B 15 -4.24 6.77 -9.32
C THR B 15 -3.03 6.44 -8.50
N ASP B 16 -2.98 6.84 -7.23
CA ASP B 16 -1.81 6.56 -6.38
C ASP B 16 -2.13 6.15 -4.95
N VAL B 17 -1.42 5.16 -4.42
CA VAL B 17 -1.50 4.87 -3.02
C VAL B 17 -0.09 4.87 -2.46
N ILE B 18 0.16 5.63 -1.41
CA ILE B 18 1.43 5.58 -0.79
C ILE B 18 1.19 5.17 0.64
N MET B 19 1.90 4.16 1.08
CA MET B 19 1.91 3.67 2.44
C MET B 19 3.26 3.96 3.08
N ASP B 20 3.27 4.64 4.19
CA ASP B 20 4.48 5.06 4.78
C ASP B 20 4.47 5.04 6.27
N GLY B 21 5.55 4.63 6.90
CA GLY B 21 5.61 4.60 8.33
C GLY B 21 5.48 3.22 8.85
N HIS B 22 5.72 3.10 10.11
CA HIS B 22 5.61 1.84 10.70
C HIS B 22 4.48 1.88 11.69
N ALA B 23 3.72 0.79 11.77
CA ALA B 23 2.59 0.70 12.63
C ALA B 23 2.81 1.14 14.07
N ASP B 24 3.94 0.76 14.68
CA ASP B 24 4.31 1.07 16.09
C ASP B 24 3.43 0.35 17.13
N HIS B 25 2.72 -0.71 16.74
CA HIS B 25 1.82 -1.36 17.68
C HIS B 25 2.61 -2.36 18.52
N GLY B 26 3.45 -3.18 17.90
CA GLY B 26 4.40 -4.03 18.60
C GLY B 26 5.81 -3.61 18.23
N GLU B 27 6.78 -4.42 18.64
CA GLU B 27 8.16 -4.32 18.17
C GLU B 27 8.34 -5.29 17.02
N TYR B 28 9.32 -4.99 16.16
CA TYR B 28 9.57 -5.71 14.92
C TYR B 28 9.58 -7.24 15.14
N GLY B 29 8.65 -7.93 14.47
CA GLY B 29 8.51 -9.37 14.51
C GLY B 29 7.19 -9.84 15.10
N HIS B 30 6.47 -8.92 15.75
CA HIS B 30 5.29 -9.15 16.56
C HIS B 30 4.22 -8.07 16.47
N ASP B 31 4.32 -7.14 15.51
CA ASP B 31 3.34 -6.07 15.34
C ASP B 31 2.23 -6.55 14.43
N ILE B 32 1.01 -6.60 14.98
CA ILE B 32 -0.18 -7.15 14.31
C ILE B 32 -0.55 -6.29 13.13
N VAL B 33 -0.78 -5.01 13.43
CA VAL B 33 -1.33 -4.04 12.50
C VAL B 33 -0.45 -3.93 11.28
N CYS B 34 0.87 -3.98 11.52
CA CYS B 34 1.89 -4.09 10.48
C CYS B 34 1.65 -5.30 9.56
N ALA B 35 1.58 -6.50 10.17
CA ALA B 35 1.33 -7.75 9.47
C ALA B 35 0.05 -7.64 8.65
N GLY B 36 -1.01 -7.17 9.30
CA GLY B 36 -2.28 -6.93 8.65
C GLY B 36 -2.15 -6.10 7.39
N ALA B 37 -1.49 -4.93 7.51
CA ALA B 37 -1.39 -4.02 6.40
C ALA B 37 -0.43 -4.57 5.37
N SER B 38 0.62 -5.26 5.84
CA SER B 38 1.61 -5.82 4.95
C SER B 38 0.94 -6.88 4.06
N ALA B 39 0.31 -7.89 4.69
CA ALA B 39 -0.38 -8.93 3.90
C ALA B 39 -1.37 -8.35 2.83
N VAL B 40 -2.18 -7.37 3.25
CA VAL B 40 -3.15 -6.76 2.35
C VAL B 40 -2.43 -6.05 1.19
N LEU B 41 -1.40 -5.27 1.54
CA LEU B 41 -0.66 -4.53 0.51
C LEU B 41 -0.06 -5.51 -0.48
N PHE B 42 0.81 -6.39 0.03
CA PHE B 42 1.61 -7.22 -0.90
C PHE B 42 0.73 -8.13 -1.75
N GLY B 43 -0.35 -8.64 -1.14
CA GLY B 43 -1.26 -9.51 -1.83
C GLY B 43 -2.08 -8.86 -2.93
N SER B 44 -2.55 -7.66 -2.65
CA SER B 44 -3.28 -6.81 -3.61
C SER B 44 -2.42 -6.47 -4.85
N VAL B 45 -1.13 -6.21 -4.64
CA VAL B 45 -0.24 -5.92 -5.75
C VAL B 45 -0.03 -7.19 -6.54
N ASN B 46 0.23 -8.28 -5.83
CA ASN B 46 0.32 -9.59 -6.45
C ASN B 46 -0.92 -9.89 -7.30
N ALA B 47 -2.10 -9.45 -6.81
CA ALA B 47 -3.35 -9.77 -7.41
C ALA B 47 -3.52 -8.93 -8.66
N ILE B 48 -3.25 -7.65 -8.55
CA ILE B 48 -3.24 -6.81 -9.75
C ILE B 48 -2.38 -7.37 -10.89
N ILE B 49 -1.13 -7.73 -10.59
CA ILE B 49 -0.22 -8.31 -11.56
C ILE B 49 -0.67 -9.68 -12.09
N GLY B 50 -1.05 -10.58 -11.19
CA GLY B 50 -1.37 -11.95 -11.56
C GLY B 50 -2.77 -12.14 -12.13
N LEU B 51 -3.70 -11.25 -11.83
CA LEU B 51 -5.08 -11.34 -12.31
C LEU B 51 -5.53 -10.31 -13.33
N THR B 52 -4.76 -9.26 -13.57
CA THR B 52 -5.14 -8.26 -14.55
C THR B 52 -4.02 -7.99 -15.57
N SER B 53 -4.25 -7.15 -16.54
CA SER B 53 -3.24 -6.78 -17.47
C SER B 53 -2.59 -5.44 -17.14
N GLU B 54 -2.93 -4.87 -16.01
CA GLU B 54 -2.39 -3.62 -15.60
C GLU B 54 -1.06 -3.88 -15.00
N ARG B 55 -0.08 -3.08 -15.34
CA ARG B 55 1.21 -3.18 -14.75
C ARG B 55 1.47 -1.80 -14.08
N PRO B 56 1.27 -1.72 -12.71
CA PRO B 56 1.41 -0.41 -12.09
C PRO B 56 2.86 -0.10 -11.94
N ASP B 57 3.18 1.18 -11.83
CA ASP B 57 4.53 1.64 -11.53
C ASP B 57 4.74 1.58 -10.02
N ILE B 58 5.71 0.76 -9.57
CA ILE B 58 5.87 0.39 -8.16
C ILE B 58 7.22 0.78 -7.68
N ASN B 59 7.28 1.41 -6.51
CA ASN B 59 8.54 1.77 -5.87
C ASN B 59 8.39 1.62 -4.38
N TYR B 60 9.47 1.21 -3.73
CA TYR B 60 9.51 0.95 -2.31
C TYR B 60 10.92 1.06 -1.77
N ASP B 61 11.03 1.19 -0.45
CA ASP B 61 12.30 1.33 0.21
C ASP B 61 12.64 -0.04 0.77
N ASP B 62 13.75 -0.62 0.32
CA ASP B 62 14.19 -1.93 0.82
C ASP B 62 14.04 -2.04 2.31
N ASN B 63 14.59 -1.04 3.03
CA ASN B 63 14.59 -1.01 4.48
C ASN B 63 13.21 -1.01 5.13
N GLY B 64 12.16 -0.90 4.32
CA GLY B 64 10.81 -1.01 4.77
C GLY B 64 10.20 0.33 5.13
N GLY B 65 8.89 0.27 5.40
CA GLY B 65 8.15 1.41 5.84
C GLY B 65 7.83 2.38 4.77
N HIS B 66 7.94 1.96 3.50
CA HIS B 66 7.64 2.85 2.39
C HIS B 66 7.39 2.11 1.11
N PHE B 67 6.18 2.28 0.56
CA PHE B 67 5.71 1.65 -0.65
C PHE B 67 4.83 2.63 -1.44
N HIS B 68 4.99 2.67 -2.73
CA HIS B 68 4.29 3.54 -3.60
C HIS B 68 3.75 2.79 -4.81
N ILE B 69 2.44 2.87 -5.03
CA ILE B 69 1.82 2.31 -6.19
C ILE B 69 1.21 3.43 -7.05
N ARG B 70 1.47 3.42 -8.33
CA ARG B 70 0.88 4.39 -9.21
C ARG B 70 0.24 3.67 -10.38
N SER B 71 -1.01 3.98 -10.67
CA SER B 71 -1.69 3.31 -11.73
C SER B 71 -1.22 3.78 -13.09
N VAL B 72 -1.16 2.88 -14.08
CA VAL B 72 -0.86 3.25 -15.44
C VAL B 72 -2.21 3.33 -16.20
N ASP B 73 -2.91 2.19 -16.27
CA ASP B 73 -4.20 2.12 -16.91
C ASP B 73 -5.33 2.23 -15.88
N THR B 74 -5.77 3.48 -15.69
CA THR B 74 -6.90 3.83 -14.82
C THR B 74 -8.21 3.26 -15.35
N ASN B 75 -8.23 2.88 -16.63
CA ASN B 75 -9.42 2.28 -17.23
C ASN B 75 -9.45 0.74 -17.14
N ASN B 76 -8.53 0.16 -16.37
CA ASN B 76 -8.61 -1.23 -16.06
C ASN B 76 -9.50 -1.50 -14.80
N ASP B 77 -10.74 -1.94 -15.05
CA ASP B 77 -11.79 -2.10 -14.03
C ASP B 77 -11.36 -3.03 -12.93
N GLU B 78 -10.60 -4.06 -13.30
CA GLU B 78 -10.14 -5.14 -12.46
C GLU B 78 -9.06 -4.70 -11.53
N ALA B 79 -8.14 -3.93 -12.04
CA ALA B 79 -7.11 -3.39 -11.21
C ALA B 79 -7.73 -2.39 -10.22
N GLN B 80 -8.69 -1.60 -10.67
CA GLN B 80 -9.36 -0.66 -9.79
C GLN B 80 -10.23 -1.35 -8.73
N LEU B 81 -10.91 -2.42 -9.09
CA LEU B 81 -11.71 -3.15 -8.12
C LEU B 81 -10.76 -3.70 -7.05
N ILE B 82 -9.62 -4.20 -7.48
CA ILE B 82 -8.61 -4.68 -6.59
C ILE B 82 -8.07 -3.58 -5.66
N LEU B 83 -7.82 -2.39 -6.21
CA LEU B 83 -7.41 -1.24 -5.38
C LEU B 83 -8.54 -0.91 -4.38
N GLN B 84 -9.80 -0.88 -4.67
CA GLN B 84 -10.84 -0.52 -3.71
C GLN B 84 -10.97 -1.63 -2.68
N THR B 85 -10.75 -2.86 -3.13
CA THR B 85 -10.73 -3.96 -2.17
C THR B 85 -9.62 -3.80 -1.14
N MET B 86 -8.42 -3.44 -1.59
CA MET B 86 -7.28 -3.24 -0.69
C MET B 86 -7.56 -2.11 0.31
N LEU B 87 -8.15 -1.08 -0.27
CA LEU B 87 -8.53 0.12 0.45
C LEU B 87 -9.53 -0.26 1.52
N VAL B 88 -10.60 -0.97 1.16
CA VAL B 88 -11.57 -1.30 2.18
C VAL B 88 -10.94 -2.27 3.22
N SER B 89 -9.95 -3.07 2.86
CA SER B 89 -9.24 -3.95 3.77
C SER B 89 -8.37 -3.16 4.76
N LEU B 90 -7.57 -2.21 4.27
CA LEU B 90 -6.83 -1.42 5.25
C LEU B 90 -7.76 -0.54 6.08
N GLN B 91 -8.88 -0.12 5.49
CA GLN B 91 -10.00 0.59 6.13
C GLN B 91 -10.48 -0.19 7.32
N THR B 92 -10.62 -1.50 7.08
CA THR B 92 -11.11 -2.47 8.05
C THR B 92 -10.19 -2.54 9.26
N ILE B 93 -8.90 -2.50 9.00
CA ILE B 93 -7.92 -2.42 10.07
C ILE B 93 -8.03 -1.11 10.84
N GLU B 94 -8.17 0.01 10.10
CA GLU B 94 -8.16 1.36 10.68
C GLU B 94 -9.28 1.48 11.67
N GLU B 95 -10.45 0.94 11.32
CA GLU B 95 -11.61 0.97 12.21
C GLU B 95 -11.32 0.47 13.64
N GLU B 96 -10.45 -0.54 13.77
CA GLU B 96 -10.12 -1.08 15.08
C GLU B 96 -8.77 -0.65 15.63
N TYR B 97 -7.91 -0.11 14.78
CA TYR B 97 -6.58 0.32 15.18
C TYR B 97 -6.32 1.74 14.67
N ASN B 98 -7.24 2.65 15.02
CA ASN B 98 -7.24 4.08 14.65
C ASN B 98 -5.88 4.73 14.80
N GLU B 99 -5.23 4.39 15.92
CA GLU B 99 -3.98 4.96 16.36
C GLU B 99 -2.74 4.47 15.63
N ASN B 100 -2.88 3.38 14.87
CA ASN B 100 -1.75 2.71 14.24
C ASN B 100 -1.72 2.83 12.74
N ILE B 101 -2.88 3.03 12.11
CA ILE B 101 -2.98 3.27 10.66
C ILE B 101 -4.00 4.34 10.38
N ARG B 102 -3.69 5.23 9.43
CA ARG B 102 -4.60 6.30 9.06
C ARG B 102 -4.64 6.28 7.58
N LEU B 103 -5.86 6.31 7.01
CA LEU B 103 -6.07 6.54 5.60
C LEU B 103 -6.44 8.03 5.32
N ASN B 104 -5.78 8.61 4.33
CA ASN B 104 -5.89 10.01 3.97
C ASN B 104 -6.19 10.05 2.47
N TYR B 105 -7.28 10.72 2.08
CA TYR B 105 -7.68 10.85 0.70
C TYR B 105 -7.29 12.17 -0.01
N LYS B 106 -6.96 12.03 -1.28
CA LYS B 106 -6.55 13.06 -2.16
C LYS B 106 -5.47 13.91 -1.60
N LYS C 1 9.97 -11.43 -1.18
CA LYS C 1 8.74 -11.28 -1.96
C LYS C 1 7.63 -10.63 -1.16
N LEU C 2 7.25 -11.20 -0.04
CA LEU C 2 6.36 -10.54 0.87
C LEU C 2 7.11 -10.45 2.15
N ASN C 3 7.10 -9.29 2.80
CA ASN C 3 7.69 -9.16 4.11
C ASN C 3 6.47 -8.87 4.99
N LEU C 4 6.25 -9.66 6.05
CA LEU C 4 5.10 -9.41 6.88
C LEU C 4 5.34 -8.43 7.98
N GLN C 5 6.57 -7.95 8.12
CA GLN C 5 6.86 -6.89 9.07
C GLN C 5 7.48 -5.69 8.37
N PHE C 6 7.02 -5.46 7.15
CA PHE C 6 7.45 -4.37 6.31
C PHE C 6 6.97 -3.01 6.81
N PCS C 7 5.76 -2.98 7.39
CA PCS C 7 5.07 -1.76 7.79
C PCS C 7 4.85 -1.77 9.31
CB PCS C 7 3.72 -1.57 7.12
O PCS C 7 3.98 -1.09 9.75
CD1 PCS C 7 3.47 -2.46 4.77
CG PCS C 7 3.82 -1.41 5.60
CD2 PCS C 7 4.22 -0.20 5.04
CE2 PCS C 7 4.29 -0.06 3.66
CZ PCS C 7 3.96 -1.12 2.84
CE1 PCS C 7 3.53 -2.32 3.40
CT PCS C 7 5.69 -2.65 10.23
H PCS C 7 5.20 -3.78 7.59
HA PCS C 7 5.71 -0.90 7.54
HB2 PCS C 7 3.25 -0.67 7.53
HB3 PCS C 7 3.09 -2.43 7.34
HD1 PCS C 7 3.14 -3.40 5.20
HD2 PCS C 7 4.49 0.63 5.69
HE2 PCS C 7 4.61 0.87 3.23
HZ PCS C 7 4.01 -1.01 1.77
HE1 PCS C 7 3.27 -3.16 2.75
HT1 PCS C 7 6.72 -2.33 10.20
HT2 PCS C 7 5.31 -2.57 11.24
N MET D 1 -1.46 -24.59 12.55
CA MET D 1 -1.57 -24.32 11.08
C MET D 1 -2.99 -23.86 10.75
N ILE D 2 -3.12 -22.79 9.96
CA ILE D 2 -4.38 -22.42 9.36
C ILE D 2 -4.53 -23.23 8.08
N THR D 3 -5.68 -23.89 7.94
CA THR D 3 -6.05 -24.58 6.69
C THR D 3 -7.03 -23.73 5.90
N VAL D 4 -6.73 -23.58 4.61
CA VAL D 4 -7.61 -22.86 3.69
C VAL D 4 -8.08 -23.84 2.62
N ASP D 5 -9.35 -24.27 2.74
CA ASP D 5 -9.99 -25.22 1.84
C ASP D 5 -10.84 -24.43 0.85
N ILE D 6 -10.48 -24.51 -0.42
CA ILE D 6 -11.08 -23.74 -1.49
C ILE D 6 -11.77 -24.68 -2.46
N THR D 7 -13.01 -24.36 -2.81
CA THR D 7 -13.80 -25.10 -3.80
C THR D 7 -14.02 -24.24 -5.04
N VAL D 8 -13.51 -24.71 -6.17
CA VAL D 8 -13.73 -24.08 -7.46
C VAL D 8 -14.59 -25.04 -8.26
N ASN D 9 -15.72 -24.55 -8.81
CA ASN D 9 -16.71 -25.40 -9.52
C ASN D 9 -16.24 -25.57 -10.97
N ASP D 10 -17.00 -26.31 -11.76
CA ASP D 10 -16.69 -26.60 -13.13
C ASP D 10 -16.59 -25.37 -14.09
N GLU D 11 -17.19 -24.25 -13.69
CA GLU D 11 -17.13 -22.98 -14.44
C GLU D 11 -16.04 -22.03 -13.97
N GLY D 12 -15.13 -22.51 -13.14
CA GLY D 12 -14.04 -21.72 -12.59
C GLY D 12 -14.40 -20.72 -11.51
N LYS D 13 -15.60 -20.83 -10.96
CA LYS D 13 -15.93 -19.96 -9.86
C LYS D 13 -15.56 -20.67 -8.57
N VAL D 14 -15.09 -19.83 -7.63
CA VAL D 14 -14.96 -20.17 -6.20
C VAL D 14 -16.33 -20.16 -5.55
N THR D 15 -16.79 -21.36 -5.13
CA THR D 15 -18.05 -21.53 -4.40
C THR D 15 -17.85 -21.44 -2.90
N ASP D 16 -16.69 -21.93 -2.42
CA ASP D 16 -16.45 -22.20 -1.01
C ASP D 16 -15.06 -21.86 -0.61
N VAL D 17 -14.89 -21.08 0.46
CA VAL D 17 -13.64 -20.97 1.17
C VAL D 17 -13.92 -21.20 2.63
N ILE D 18 -13.22 -22.21 3.19
CA ILE D 18 -13.21 -22.51 4.60
C ILE D 18 -11.79 -22.35 5.09
N MET D 19 -11.66 -21.57 6.18
CA MET D 19 -10.41 -21.33 6.80
C MET D 19 -10.52 -21.78 8.24
N ASP D 20 -9.67 -22.69 8.65
CA ASP D 20 -9.81 -23.26 9.96
C ASP D 20 -8.48 -23.45 10.61
N GLY D 21 -8.41 -23.35 11.92
CA GLY D 21 -7.19 -23.47 12.68
C GLY D 21 -6.53 -22.16 13.04
N HIS D 22 -5.52 -22.26 13.83
CA HIS D 22 -4.73 -21.11 14.21
C HIS D 22 -3.33 -21.29 13.63
N ALA D 23 -2.75 -20.17 13.17
CA ALA D 23 -1.39 -20.12 12.60
C ALA D 23 -0.39 -20.79 13.48
N ASP D 24 -0.48 -20.54 14.79
CA ASP D 24 0.43 -21.09 15.78
C ASP D 24 1.87 -20.56 15.59
N HIS D 25 1.99 -19.39 14.93
CA HIS D 25 3.28 -18.74 14.69
C HIS D 25 3.74 -18.06 15.97
N GLY D 26 2.86 -17.24 16.56
CA GLY D 26 3.07 -16.65 17.86
C GLY D 26 2.00 -17.13 18.82
N GLU D 27 1.89 -16.47 19.98
CA GLU D 27 0.75 -16.78 20.82
C GLU D 27 -0.24 -15.64 20.70
N TYR D 28 -1.48 -15.94 21.10
CA TYR D 28 -2.59 -15.06 20.76
C TYR D 28 -2.38 -13.62 21.26
N GLY D 29 -2.46 -12.72 20.27
CA GLY D 29 -2.24 -11.28 20.43
C GLY D 29 -0.99 -10.76 19.73
N HIS D 30 -0.11 -11.68 19.39
CA HIS D 30 1.06 -11.29 18.68
C HIS D 30 1.40 -12.26 17.51
N ASP D 31 0.51 -13.16 17.06
CA ASP D 31 0.75 -14.01 15.90
C ASP D 31 0.75 -13.21 14.59
N ILE D 32 1.78 -13.29 13.73
CA ILE D 32 1.73 -12.42 12.55
C ILE D 32 1.13 -13.07 11.28
N VAL D 33 1.22 -14.39 11.11
CA VAL D 33 0.61 -15.04 9.99
C VAL D 33 -0.85 -14.99 10.20
N CYS D 34 -1.28 -15.11 11.45
CA CYS D 34 -2.68 -14.97 11.86
C CYS D 34 -3.27 -13.61 11.46
N ALA D 35 -2.62 -12.52 11.90
CA ALA D 35 -3.01 -11.14 11.57
C ALA D 35 -3.08 -10.97 10.08
N GLY D 36 -2.04 -11.42 9.38
CA GLY D 36 -2.01 -11.42 7.93
C GLY D 36 -3.23 -12.03 7.30
N ALA D 37 -3.56 -13.26 7.71
CA ALA D 37 -4.66 -13.96 7.13
C ALA D 37 -5.96 -13.38 7.61
N SER D 38 -5.99 -12.91 8.86
CA SER D 38 -7.21 -12.35 9.41
C SER D 38 -7.57 -11.07 8.61
N ALA D 39 -6.62 -10.13 8.51
CA ALA D 39 -6.86 -8.91 7.73
C ALA D 39 -7.34 -9.19 6.28
N VAL D 40 -6.67 -10.14 5.62
CA VAL D 40 -7.04 -10.48 4.24
C VAL D 40 -8.46 -11.02 4.21
N LEU D 41 -8.75 -11.96 5.12
CA LEU D 41 -10.10 -12.52 4.99
C LEU D 41 -11.13 -11.49 5.38
N PHE D 42 -11.03 -10.81 6.52
CA PHE D 42 -12.11 -9.91 6.92
C PHE D 42 -12.32 -8.76 5.96
N GLY D 43 -11.22 -8.29 5.37
CA GLY D 43 -11.23 -7.17 4.46
C GLY D 43 -11.86 -7.49 3.15
N SER D 44 -11.50 -8.65 2.62
CA SER D 44 -12.10 -9.19 1.39
C SER D 44 -13.63 -9.43 1.52
N VAL D 45 -14.07 -9.88 2.68
CA VAL D 45 -15.50 -10.07 2.89
C VAL D 45 -16.17 -8.74 2.97
N ASN D 46 -15.56 -7.82 3.73
CA ASN D 46 -16.01 -6.44 3.75
C ASN D 46 -16.12 -5.85 2.35
N ALA D 47 -15.19 -6.24 1.48
CA ALA D 47 -15.09 -5.65 0.14
C ALA D 47 -16.21 -6.23 -0.72
N ILE D 48 -16.36 -7.52 -0.66
CA ILE D 48 -17.52 -8.16 -1.32
C ILE D 48 -18.87 -7.50 -0.99
N ILE D 49 -19.13 -7.34 0.31
CA ILE D 49 -20.36 -6.71 0.76
C ILE D 49 -20.46 -5.24 0.43
N GLY D 50 -19.40 -4.46 0.67
CA GLY D 50 -19.42 -3.00 0.43
C GLY D 50 -19.33 -2.59 -1.02
N LEU D 51 -18.75 -3.46 -1.87
CA LEU D 51 -18.48 -3.11 -3.28
C LEU D 51 -19.27 -3.93 -4.36
N THR D 52 -20.02 -4.98 -3.95
CA THR D 52 -20.77 -5.79 -4.90
C THR D 52 -22.21 -5.98 -4.43
N SER D 53 -23.05 -6.50 -5.33
CA SER D 53 -24.40 -6.89 -5.02
C SER D 53 -24.50 -8.23 -4.28
N GLU D 54 -23.40 -8.96 -4.25
CA GLU D 54 -23.38 -10.31 -3.72
C GLU D 54 -23.42 -10.26 -2.19
N ARG D 55 -24.26 -11.13 -1.62
CA ARG D 55 -24.36 -11.32 -0.17
C ARG D 55 -24.04 -12.79 0.08
N PRO D 56 -22.77 -13.16 0.38
CA PRO D 56 -22.42 -14.57 0.53
C PRO D 56 -23.03 -15.08 1.78
N ASP D 57 -23.23 -16.40 1.84
CA ASP D 57 -23.66 -17.09 3.05
C ASP D 57 -22.43 -17.32 3.93
N ILE D 58 -22.44 -16.75 5.15
CA ILE D 58 -21.26 -16.69 6.03
C ILE D 58 -21.57 -17.40 7.32
N ASN D 59 -20.64 -18.27 7.73
CA ASN D 59 -20.70 -18.91 9.02
C ASN D 59 -19.31 -18.93 9.63
N TYR D 60 -19.19 -18.59 10.90
CA TYR D 60 -17.94 -18.58 11.58
C TYR D 60 -18.21 -18.94 13.02
N ASP D 61 -17.20 -19.40 13.70
CA ASP D 61 -17.38 -19.84 15.04
C ASP D 61 -16.97 -18.72 15.95
N ASP D 62 -17.95 -17.98 16.52
CA ASP D 62 -17.81 -16.85 17.46
C ASP D 62 -16.41 -16.55 17.92
N ASN D 63 -15.78 -17.55 18.50
CA ASN D 63 -14.46 -17.39 18.92
C ASN D 63 -13.80 -18.73 18.79
N GLY D 64 -13.42 -19.13 17.56
CA GLY D 64 -12.76 -20.44 17.30
C GLY D 64 -11.98 -20.77 16.05
N GLY D 65 -11.58 -19.80 15.25
CA GLY D 65 -10.78 -20.13 14.12
C GLY D 65 -11.40 -21.04 13.11
N HIS D 66 -12.63 -20.77 12.83
CA HIS D 66 -13.36 -21.35 11.77
C HIS D 66 -14.19 -20.26 11.10
N PHE D 67 -13.99 -20.02 9.81
CA PHE D 67 -14.77 -19.12 8.98
C PHE D 67 -15.07 -19.87 7.67
N HIS D 68 -16.33 -19.83 7.22
CA HIS D 68 -16.79 -20.47 6.04
C HIS D 68 -17.51 -19.50 5.15
N ILE D 69 -16.98 -19.24 3.93
CA ILE D 69 -17.64 -18.38 2.99
C ILE D 69 -18.26 -19.21 1.89
N ARG D 70 -19.53 -18.99 1.59
CA ARG D 70 -20.13 -19.70 0.51
C ARG D 70 -20.81 -18.70 -0.45
N SER D 71 -20.43 -18.71 -1.71
CA SER D 71 -21.03 -17.89 -2.75
C SER D 71 -22.50 -18.21 -3.01
N VAL D 72 -23.29 -17.15 -3.24
CA VAL D 72 -24.68 -17.30 -3.65
C VAL D 72 -24.72 -17.06 -5.17
N ASP D 73 -24.32 -15.86 -5.60
CA ASP D 73 -24.25 -15.55 -7.02
C ASP D 73 -22.83 -15.77 -7.55
N THR D 74 -22.64 -17.01 -8.06
CA THR D 74 -21.38 -17.42 -8.62
C THR D 74 -21.08 -16.70 -9.94
N ASN D 75 -22.09 -16.06 -10.52
CA ASN D 75 -21.93 -15.30 -11.73
C ASN D 75 -21.67 -13.81 -11.49
N ASN D 76 -21.44 -13.41 -10.25
CA ASN D 76 -21.04 -12.04 -9.96
C ASN D 76 -19.51 -11.85 -10.10
N ASP D 77 -19.08 -11.25 -11.22
CA ASP D 77 -17.67 -11.15 -11.61
C ASP D 77 -16.84 -10.43 -10.59
N GLU D 78 -17.45 -9.41 -9.96
CA GLU D 78 -16.79 -8.59 -8.98
C GLU D 78 -16.49 -9.35 -7.67
N ALA D 79 -17.52 -9.95 -7.09
CA ALA D 79 -17.35 -10.88 -5.97
C ALA D 79 -16.29 -11.98 -6.31
N GLN D 80 -16.35 -12.53 -7.52
CA GLN D 80 -15.33 -13.49 -7.93
C GLN D 80 -13.87 -12.91 -7.96
N LEU D 81 -13.71 -11.73 -8.56
CA LEU D 81 -12.37 -11.18 -8.68
C LEU D 81 -11.91 -10.81 -7.28
N ILE D 82 -12.82 -10.41 -6.39
CA ILE D 82 -12.49 -10.22 -4.99
C ILE D 82 -12.02 -11.52 -4.30
N LEU D 83 -12.73 -12.63 -4.53
CA LEU D 83 -12.29 -13.90 -3.95
C LEU D 83 -10.95 -14.30 -4.57
N GLN D 84 -10.72 -14.03 -5.86
CA GLN D 84 -9.47 -14.47 -6.45
C GLN D 84 -8.35 -13.68 -5.84
N THR D 85 -8.61 -12.40 -5.60
CA THR D 85 -7.65 -11.47 -4.98
C THR D 85 -7.31 -11.94 -3.55
N MET D 86 -8.32 -12.38 -2.81
CA MET D 86 -8.17 -12.87 -1.43
C MET D 86 -7.25 -14.09 -1.36
N LEU D 87 -7.45 -14.99 -2.26
CA LEU D 87 -6.68 -16.13 -2.34
C LEU D 87 -5.30 -15.84 -2.86
N VAL D 88 -5.12 -14.95 -3.83
CA VAL D 88 -3.82 -14.54 -4.24
C VAL D 88 -3.08 -14.02 -3.00
N SER D 89 -3.76 -13.26 -2.15
CA SER D 89 -3.16 -12.72 -0.92
C SER D 89 -2.82 -13.77 0.11
N LEU D 90 -3.74 -14.68 0.39
CA LEU D 90 -3.40 -15.75 1.33
C LEU D 90 -2.30 -16.64 0.75
N GLN D 91 -2.31 -16.84 -0.56
CA GLN D 91 -1.25 -17.59 -1.29
C GLN D 91 0.09 -16.91 -1.09
N THR D 92 0.07 -15.57 -1.11
CA THR D 92 1.30 -14.79 -0.96
C THR D 92 1.87 -14.94 0.43
N ILE D 93 1.01 -15.07 1.44
CA ILE D 93 1.49 -15.42 2.78
C ILE D 93 2.08 -16.83 2.80
N GLU D 94 1.39 -17.79 2.18
CA GLU D 94 1.78 -19.20 2.19
C GLU D 94 3.17 -19.37 1.61
N GLU D 95 3.45 -18.65 0.52
CA GLU D 95 4.77 -18.68 -0.10
C GLU D 95 5.94 -18.47 0.89
N GLU D 96 5.76 -17.58 1.87
CA GLU D 96 6.83 -17.34 2.83
C GLU D 96 6.60 -17.95 4.21
N TYR D 97 5.38 -18.39 4.50
CA TYR D 97 5.05 -18.92 5.81
C TYR D 97 4.38 -20.30 5.62
N ASN D 98 4.99 -21.15 4.80
CA ASN D 98 4.51 -22.51 4.48
C ASN D 98 3.96 -23.36 5.63
N GLU D 99 4.64 -23.31 6.78
CA GLU D 99 4.29 -24.11 7.92
C GLU D 99 3.18 -23.56 8.78
N ASN D 100 2.72 -22.35 8.51
CA ASN D 100 1.64 -21.75 9.26
C ASN D 100 0.30 -21.70 8.53
N ILE D 101 0.31 -21.72 7.22
CA ILE D 101 -0.93 -21.70 6.47
C ILE D 101 -0.78 -22.61 5.27
N ARG D 102 -1.82 -23.34 4.91
CA ARG D 102 -1.79 -24.23 3.74
C ARG D 102 -3.04 -23.97 2.98
N LEU D 103 -2.93 -23.73 1.67
CA LEU D 103 -4.11 -23.61 0.80
C LEU D 103 -4.31 -24.86 -0.05
N ASN D 104 -5.47 -25.47 0.00
CA ASN D 104 -5.73 -26.67 -0.77
C ASN D 104 -6.96 -26.44 -1.67
N TYR D 105 -6.80 -26.63 -2.99
CA TYR D 105 -7.86 -26.40 -3.93
C TYR D 105 -8.72 -27.66 -4.12
N LYS D 106 -10.01 -27.45 -4.33
CA LYS D 106 -11.06 -28.43 -4.48
C LYS D 106 -10.99 -29.46 -3.44
N LEU E 2 -14.05 -6.62 12.89
CA LEU E 2 -12.79 -7.32 12.67
C LEU E 2 -12.28 -7.85 13.98
N ASN E 3 -11.64 -9.00 13.89
CA ASN E 3 -10.86 -9.44 15.03
C ASN E 3 -9.54 -9.86 14.37
N LEU E 4 -8.46 -9.08 14.60
CA LEU E 4 -7.25 -9.37 13.95
C LEU E 4 -6.55 -10.60 14.46
N GLN E 5 -6.87 -11.27 15.55
CA GLN E 5 -6.28 -12.50 15.96
C GLN E 5 -7.21 -13.67 15.84
N PHE E 6 -8.17 -13.66 14.92
CA PHE E 6 -9.08 -14.81 14.78
C PHE E 6 -8.52 -16.16 14.21
N PCS E 7 -7.38 -16.15 13.54
CA PCS E 7 -6.78 -17.31 12.90
C PCS E 7 -5.38 -17.51 13.50
CB PCS E 7 -6.65 -17.17 11.38
O PCS E 7 -4.59 -18.22 12.99
CD1 PCS E 7 -8.30 -15.71 10.20
CG PCS E 7 -7.99 -16.97 10.67
CD2 PCS E 7 -8.88 -18.02 10.45
CE2 PCS E 7 -10.08 -17.79 9.77
CZ PCS E 7 -10.39 -16.51 9.32
CE1 PCS E 7 -9.49 -15.48 9.52
CT PCS E 7 -4.95 -16.71 14.74
H PCS E 7 -6.80 -15.35 13.40
HA PCS E 7 -7.38 -18.19 13.12
HB2 PCS E 7 -6.20 -18.08 11.01
HB3 PCS E 7 -6.02 -16.33 11.16
HD1 PCS E 7 -7.61 -14.89 10.36
HD2 PCS E 7 -8.65 -19.02 10.80
HE2 PCS E 7 -10.77 -18.60 9.61
HZ PCS E 7 -11.31 -16.33 8.80
HE1 PCS E 7 -9.73 -14.48 9.17
HT1 PCS E 7 -5.55 -17.02 15.59
HT2 PCS E 7 -3.91 -16.91 14.95
N LYS F 1 25.34 10.29 -0.77
CA LYS F 1 24.24 11.24 -0.66
C LYS F 1 23.71 11.68 -2.03
N LEU F 2 24.61 11.91 -2.98
CA LEU F 2 24.22 12.33 -4.32
C LEU F 2 24.57 11.35 -5.31
N ASN F 3 23.65 11.15 -6.27
CA ASN F 3 23.84 10.44 -7.51
C ASN F 3 23.16 11.30 -8.59
N LEU F 4 23.95 11.79 -9.54
CA LEU F 4 23.51 12.81 -10.47
C LEU F 4 22.64 12.29 -11.64
N GLN F 5 22.41 11.00 -11.71
CA GLN F 5 21.50 10.48 -12.69
C GLN F 5 20.47 9.64 -11.94
N PHE F 6 20.03 10.12 -10.79
CA PHE F 6 19.06 9.44 -10.00
C PHE F 6 17.66 9.64 -10.60
N PCS F 7 17.43 10.75 -11.31
CA PCS F 7 16.13 11.06 -11.89
C PCS F 7 16.29 11.07 -13.42
CB PCS F 7 15.54 12.39 -11.47
O PCS F 7 15.42 11.47 -14.12
CD1 PCS F 7 16.08 13.03 -9.14
CG PCS F 7 15.22 12.37 -9.98
CD2 PCS F 7 14.10 11.71 -9.50
CE2 PCS F 7 13.86 11.69 -8.14
CZ PCS F 7 14.73 12.35 -7.29
CE1 PCS F 7 15.83 13.03 -7.78
CT PCS F 7 17.61 10.60 -14.02
H PCS F 7 18.10 11.45 -11.53
HA PCS F 7 15.43 10.27 -11.63
HB2 PCS F 7 14.62 12.56 -12.02
HB3 PCS F 7 16.25 13.18 -11.67
HD1 PCS F 7 16.95 13.55 -9.54
HD2 PCS F 7 13.43 11.18 -10.17
HE2 PCS F 7 12.99 11.17 -7.75
HZ PCS F 7 14.52 12.36 -6.22
HE1 PCS F 7 16.51 13.54 -7.10
HT1 PCS F 7 17.81 9.58 -13.71
HT2 PCS F 7 17.56 10.65 -15.10
CA CA G . -3.19 19.02 -8.87
CA CA H . 20.78 27.91 10.78
CA CA I . 8.89 7.67 5.64
CA CA J . 5.71 19.92 -17.78
CA CA K . -9.00 -11.59 -14.69
CA CA L . 8.12 4.81 -10.25
CA CA M . -24.21 -21.31 5.81
CA CA N . -17.00 -31.88 -11.94
#